data_1THT
#
_entry.id   1THT
#
_cell.length_a   97.500
_cell.length_b   83.800
_cell.length_c   47.400
_cell.angle_alpha   90.00
_cell.angle_beta   97.30
_cell.angle_gamma   90.00
#
_symmetry.space_group_name_H-M   'P 1 21 1'
#
loop_
_entity.id
_entity.type
_entity.pdbx_description
1 polymer THIOESTERASE
2 water water
#
_entity_poly.entity_id   1
_entity_poly.type   'polypeptide(L)'
_entity_poly.pdbx_seq_one_letter_code
;MNNQCKTIAHVLRVNNGQELHVWETPPKENVPFKNNTILIASGFARRMDHFAGLAEYLSTNGFHVFRYDSLHHVGLSSGS
IDEFTMTTGKNSLCTVYHWLQTKGTQNIGLIAASLSARVAYEVISDLELSFLITAVGVVNLRDTLEKALGFDYLSLPIDE
LPNDLDFEGHKLGSEVFVRDCFEHHWDTLDSTLDKVANTSVPLIAFTANNDDWVKQEEVYDMLAHIRTGHCKLYSLLGSS
HDLGENLVVLRNFYQSVTKAAIAMDGGSLEIDVDFIEPDFEQLTIATVNERRLKAEIENRTPEMA
;
_entity_poly.pdbx_strand_id   A,B
#
# COMPACT_ATOMS: atom_id res chain seq x y z
N GLN A 4 -45.48 8.76 -14.83
CA GLN A 4 -44.09 9.02 -15.12
C GLN A 4 -43.79 7.98 -16.19
N CYS A 5 -42.82 8.16 -17.10
CA CYS A 5 -42.43 7.13 -18.07
C CYS A 5 -42.02 5.95 -17.16
N LYS A 6 -42.48 4.72 -17.38
CA LYS A 6 -42.35 3.67 -16.39
C LYS A 6 -40.97 3.19 -15.89
N THR A 7 -40.22 4.08 -15.28
CA THR A 7 -38.93 3.74 -14.74
C THR A 7 -39.29 3.36 -13.30
N ILE A 8 -38.68 2.30 -12.79
CA ILE A 8 -39.07 1.76 -11.49
C ILE A 8 -37.95 2.03 -10.48
N ALA A 9 -38.25 2.39 -9.24
CA ALA A 9 -37.24 2.61 -8.24
C ALA A 9 -37.15 1.28 -7.48
N HIS A 10 -35.96 0.75 -7.19
CA HIS A 10 -35.82 -0.46 -6.39
C HIS A 10 -34.83 -0.13 -5.32
N VAL A 11 -35.10 -0.63 -4.14
CA VAL A 11 -34.22 -0.50 -2.99
C VAL A 11 -33.74 -1.93 -2.76
N LEU A 12 -32.43 -2.17 -2.86
CA LEU A 12 -31.86 -3.47 -2.61
C LEU A 12 -31.19 -3.27 -1.29
N ARG A 13 -31.47 -4.24 -0.41
CA ARG A 13 -30.99 -4.25 0.95
C ARG A 13 -30.08 -5.46 1.08
N VAL A 14 -28.77 -5.22 1.08
CA VAL A 14 -27.77 -6.27 1.24
C VAL A 14 -27.69 -6.63 2.72
N ASN A 15 -27.65 -7.92 3.04
CA ASN A 15 -27.63 -8.40 4.43
C ASN A 15 -26.79 -7.73 5.56
N ASN A 16 -25.99 -6.66 5.42
CA ASN A 16 -25.22 -6.07 6.53
C ASN A 16 -25.75 -4.72 7.04
N GLY A 17 -26.90 -4.32 6.50
CA GLY A 17 -27.50 -3.04 6.82
C GLY A 17 -27.14 -2.02 5.74
N GLN A 18 -26.85 -2.48 4.53
CA GLN A 18 -26.54 -1.56 3.47
C GLN A 18 -27.63 -1.57 2.42
N GLU A 19 -27.80 -0.41 1.81
CA GLU A 19 -28.86 -0.19 0.87
C GLU A 19 -28.29 0.28 -0.43
N LEU A 20 -28.91 0.03 -1.56
CA LEU A 20 -28.44 0.49 -2.86
C LEU A 20 -29.70 0.75 -3.65
N HIS A 21 -29.69 1.76 -4.49
CA HIS A 21 -30.87 2.13 -5.26
C HIS A 21 -30.67 1.70 -6.70
N VAL A 22 -31.71 1.20 -7.39
CA VAL A 22 -31.65 0.75 -8.77
C VAL A 22 -32.81 1.41 -9.48
N TRP A 23 -32.52 1.92 -10.66
CA TRP A 23 -33.47 2.68 -11.46
C TRP A 23 -33.64 1.84 -12.69
N GLU A 24 -34.81 1.23 -12.90
CA GLU A 24 -35.08 0.39 -14.06
C GLU A 24 -35.84 1.06 -15.22
N THR A 25 -35.43 1.09 -16.48
CA THR A 25 -36.19 1.69 -17.57
C THR A 25 -36.46 0.61 -18.61
N PRO A 26 -37.73 0.26 -18.85
CA PRO A 26 -38.14 -0.74 -19.82
C PRO A 26 -37.88 -0.29 -21.26
N PRO A 27 -37.79 -1.22 -22.24
CA PRO A 27 -37.66 -0.86 -23.66
C PRO A 27 -38.94 -0.16 -24.17
N LYS A 28 -38.87 0.65 -25.23
CA LYS A 28 -40.06 1.25 -25.78
C LYS A 28 -40.86 0.19 -26.51
N GLU A 29 -42.16 0.47 -26.50
CA GLU A 29 -43.20 -0.38 -27.05
C GLU A 29 -42.97 -1.03 -28.42
N ASN A 30 -42.50 -0.33 -29.46
CA ASN A 30 -42.43 -1.02 -30.73
C ASN A 30 -41.13 -0.82 -31.46
N VAL A 31 -40.06 -1.06 -30.75
CA VAL A 31 -38.73 -1.03 -31.36
C VAL A 31 -38.35 -2.49 -31.46
N PRO A 32 -37.42 -2.90 -32.31
CA PRO A 32 -36.95 -4.27 -32.34
C PRO A 32 -36.25 -4.75 -31.07
N PHE A 33 -36.36 -6.08 -30.89
CA PHE A 33 -35.86 -6.81 -29.74
C PHE A 33 -34.38 -6.60 -29.54
N LYS A 34 -34.02 -6.44 -28.26
CA LYS A 34 -32.60 -6.40 -27.88
C LYS A 34 -32.33 -7.50 -26.87
N ASN A 35 -31.36 -8.34 -27.21
CA ASN A 35 -31.10 -9.51 -26.40
C ASN A 35 -30.48 -9.20 -25.05
N ASN A 36 -29.63 -8.18 -24.90
CA ASN A 36 -28.96 -7.92 -23.62
C ASN A 36 -29.61 -6.87 -22.78
N THR A 37 -29.79 -7.18 -21.48
CA THR A 37 -30.21 -6.18 -20.49
C THR A 37 -28.97 -5.31 -20.21
N ILE A 38 -29.08 -4.00 -19.96
CA ILE A 38 -27.92 -3.14 -19.79
C ILE A 38 -27.86 -2.77 -18.32
N LEU A 39 -26.65 -2.80 -17.75
CA LEU A 39 -26.38 -2.31 -16.38
C LEU A 39 -25.54 -1.03 -16.57
N ILE A 40 -25.80 0.06 -15.84
CA ILE A 40 -25.05 1.29 -15.97
C ILE A 40 -24.71 1.68 -14.55
N ALA A 41 -23.42 1.80 -14.32
CA ALA A 41 -22.90 2.23 -13.04
C ALA A 41 -23.13 3.73 -12.94
N SER A 42 -24.11 4.20 -12.15
CA SER A 42 -24.43 5.60 -12.17
C SER A 42 -24.15 6.28 -10.83
N GLY A 43 -23.26 5.68 -10.03
CA GLY A 43 -22.89 6.19 -8.72
C GLY A 43 -22.21 7.55 -8.73
N PHE A 44 -21.11 7.75 -9.45
CA PHE A 44 -20.45 9.06 -9.42
C PHE A 44 -20.98 10.01 -10.49
N ALA A 45 -22.26 9.94 -10.83
CA ALA A 45 -22.72 10.69 -11.97
C ALA A 45 -23.68 11.80 -11.64
N ARG A 46 -23.45 12.50 -10.52
CA ARG A 46 -24.28 13.63 -10.09
C ARG A 46 -24.32 14.70 -11.18
N ARG A 47 -23.14 15.08 -11.67
CA ARG A 47 -23.03 16.08 -12.73
C ARG A 47 -23.55 15.60 -14.07
N MET A 48 -24.02 14.37 -14.17
CA MET A 48 -24.50 13.79 -15.42
C MET A 48 -25.95 13.42 -15.19
N ASP A 49 -26.59 13.93 -14.15
CA ASP A 49 -27.95 13.57 -13.79
C ASP A 49 -28.17 12.05 -13.75
N HIS A 50 -27.14 11.35 -13.23
CA HIS A 50 -27.13 9.91 -13.03
C HIS A 50 -27.41 9.10 -14.25
N PHE A 51 -26.97 9.67 -15.38
CA PHE A 51 -27.13 9.09 -16.68
C PHE A 51 -28.63 8.85 -17.05
N ALA A 52 -29.58 9.63 -16.54
CA ALA A 52 -30.98 9.56 -16.96
C ALA A 52 -31.20 9.67 -18.46
N GLY A 53 -30.45 10.50 -19.17
CA GLY A 53 -30.59 10.69 -20.59
C GLY A 53 -29.95 9.59 -21.40
N LEU A 54 -28.98 8.83 -20.85
CA LEU A 54 -28.39 7.71 -21.56
C LEU A 54 -29.38 6.55 -21.48
N ALA A 55 -30.13 6.40 -20.37
CA ALA A 55 -31.09 5.34 -20.22
C ALA A 55 -32.16 5.62 -21.25
N GLU A 56 -32.53 6.90 -21.48
CA GLU A 56 -33.47 7.27 -22.54
C GLU A 56 -33.07 6.88 -23.94
N TYR A 57 -31.84 7.22 -24.27
CA TYR A 57 -31.28 6.89 -25.54
C TYR A 57 -31.28 5.37 -25.77
N LEU A 58 -31.06 4.60 -24.71
CA LEU A 58 -31.00 3.15 -24.85
C LEU A 58 -32.39 2.55 -24.90
N SER A 59 -33.37 2.91 -24.08
CA SER A 59 -34.71 2.32 -24.15
C SER A 59 -35.43 2.74 -25.41
N THR A 60 -35.22 3.96 -25.92
CA THR A 60 -35.79 4.36 -27.19
C THR A 60 -35.19 3.44 -28.28
N ASN A 61 -34.00 2.87 -28.05
CA ASN A 61 -33.48 1.92 -29.00
C ASN A 61 -33.69 0.44 -28.63
N GLY A 62 -34.58 0.07 -27.70
CA GLY A 62 -34.88 -1.32 -27.47
C GLY A 62 -34.26 -1.96 -26.27
N PHE A 63 -33.45 -1.30 -25.45
CA PHE A 63 -32.83 -1.94 -24.30
C PHE A 63 -33.55 -1.72 -23.00
N HIS A 64 -33.64 -2.78 -22.21
CA HIS A 64 -34.14 -2.71 -20.86
C HIS A 64 -32.90 -2.33 -20.04
N VAL A 65 -32.96 -1.17 -19.40
CA VAL A 65 -31.85 -0.61 -18.62
C VAL A 65 -32.02 -0.67 -17.11
N PHE A 66 -30.97 -1.02 -16.38
CA PHE A 66 -30.94 -0.82 -14.94
C PHE A 66 -29.75 0.09 -14.62
N ARG A 67 -29.93 1.19 -13.92
CA ARG A 67 -28.84 2.05 -13.49
C ARG A 67 -28.72 1.81 -12.01
N TYR A 68 -27.56 1.78 -11.36
CA TYR A 68 -27.50 1.57 -9.92
C TYR A 68 -26.51 2.54 -9.27
N ASP A 69 -26.65 2.84 -7.98
CA ASP A 69 -25.65 3.68 -7.34
C ASP A 69 -24.68 2.93 -6.39
N SER A 70 -24.34 3.34 -5.17
CA SER A 70 -23.40 2.61 -4.31
C SER A 70 -24.04 2.18 -3.01
N LEU A 71 -23.54 1.09 -2.45
CA LEU A 71 -24.02 0.59 -1.18
C LEU A 71 -23.79 1.66 -0.13
N HIS A 72 -24.67 1.93 0.84
CA HIS A 72 -24.44 2.95 1.88
C HIS A 72 -25.22 2.50 3.12
N HIS A 73 -25.04 3.00 4.35
CA HIS A 73 -25.59 2.28 5.51
C HIS A 73 -26.86 2.74 6.24
N VAL A 74 -27.84 3.19 5.47
CA VAL A 74 -29.15 3.61 5.94
C VAL A 74 -30.08 3.47 4.72
N GLU A 83 -17.73 6.20 4.14
CA GLU A 83 -17.72 6.86 2.85
C GLU A 83 -17.16 5.77 1.93
N PHE A 84 -17.27 6.02 0.64
CA PHE A 84 -16.87 5.13 -0.43
C PHE A 84 -15.42 4.70 -0.39
N THR A 85 -15.23 3.45 -0.78
CA THR A 85 -13.93 2.93 -1.08
C THR A 85 -14.14 2.26 -2.44
N MET A 86 -13.10 1.93 -3.20
CA MET A 86 -13.30 1.29 -4.47
C MET A 86 -13.89 -0.08 -4.26
N THR A 87 -13.67 -0.69 -3.10
CA THR A 87 -14.24 -1.99 -2.83
C THR A 87 -15.74 -1.92 -2.62
N THR A 88 -16.31 -0.88 -2.05
CA THR A 88 -17.77 -0.73 -1.97
C THR A 88 -18.40 -0.61 -3.36
N GLY A 89 -17.72 0.04 -4.33
CA GLY A 89 -18.19 0.14 -5.70
C GLY A 89 -18.27 -1.25 -6.34
N LYS A 90 -17.22 -2.06 -6.13
CA LYS A 90 -17.15 -3.43 -6.60
C LYS A 90 -18.24 -4.28 -5.96
N ASN A 91 -18.52 -4.12 -4.69
CA ASN A 91 -19.56 -4.88 -4.07
C ASN A 91 -20.93 -4.46 -4.52
N SER A 92 -21.20 -3.20 -4.88
CA SER A 92 -22.49 -2.73 -5.38
C SER A 92 -22.72 -3.40 -6.72
N LEU A 93 -21.74 -3.36 -7.65
CA LEU A 93 -21.88 -4.03 -8.93
C LEU A 93 -22.12 -5.55 -8.79
N CYS A 94 -21.38 -6.27 -7.95
CA CYS A 94 -21.63 -7.68 -7.70
C CYS A 94 -23.00 -7.84 -7.04
N THR A 95 -23.53 -6.99 -6.19
CA THR A 95 -24.86 -7.13 -5.61
C THR A 95 -25.93 -6.99 -6.71
N VAL A 96 -25.97 -5.91 -7.51
CA VAL A 96 -27.01 -5.75 -8.54
C VAL A 96 -26.96 -6.89 -9.56
N TYR A 97 -25.74 -7.31 -9.91
CA TYR A 97 -25.51 -8.37 -10.85
C TYR A 97 -26.08 -9.67 -10.33
N HIS A 98 -25.89 -10.05 -9.07
CA HIS A 98 -26.48 -11.30 -8.63
C HIS A 98 -27.96 -11.19 -8.49
N TRP A 99 -28.51 -10.01 -8.18
CA TRP A 99 -29.95 -9.80 -8.15
C TRP A 99 -30.52 -9.92 -9.58
N LEU A 100 -29.88 -9.46 -10.64
CA LEU A 100 -30.47 -9.65 -11.95
C LEU A 100 -30.49 -11.13 -12.29
N GLN A 101 -29.46 -11.86 -11.88
CA GLN A 101 -29.38 -13.26 -12.19
C GLN A 101 -30.47 -14.08 -11.56
N THR A 102 -30.86 -13.69 -10.35
CA THR A 102 -31.93 -14.38 -9.65
C THR A 102 -33.32 -13.90 -10.05
N LYS A 103 -33.43 -12.74 -10.70
CA LYS A 103 -34.70 -12.33 -11.24
C LYS A 103 -34.75 -13.05 -12.58
N GLY A 104 -33.76 -13.84 -12.95
CA GLY A 104 -33.82 -14.65 -14.14
C GLY A 104 -32.98 -14.07 -15.26
N THR A 105 -32.48 -12.84 -15.18
CA THR A 105 -31.73 -12.25 -16.28
C THR A 105 -30.42 -12.92 -16.61
N GLN A 106 -30.32 -13.36 -17.86
CA GLN A 106 -29.14 -14.03 -18.28
C GLN A 106 -28.16 -13.31 -19.13
N ASN A 107 -28.56 -12.38 -20.01
CA ASN A 107 -27.55 -11.79 -20.88
C ASN A 107 -27.39 -10.34 -20.48
N ILE A 108 -26.24 -9.93 -19.94
CA ILE A 108 -26.08 -8.59 -19.38
C ILE A 108 -24.87 -7.88 -19.97
N GLY A 109 -25.02 -6.63 -20.40
CA GLY A 109 -23.90 -5.84 -20.87
C GLY A 109 -23.71 -4.81 -19.81
N LEU A 110 -22.57 -4.15 -19.67
CA LEU A 110 -22.30 -3.21 -18.59
C LEU A 110 -21.72 -1.95 -19.27
N ILE A 111 -22.09 -0.75 -18.84
CA ILE A 111 -21.45 0.47 -19.34
C ILE A 111 -20.89 1.16 -18.11
N ALA A 112 -19.69 1.68 -18.12
CA ALA A 112 -19.17 2.33 -16.93
C ALA A 112 -18.23 3.43 -17.34
N ALA A 113 -18.23 4.53 -16.62
CA ALA A 113 -17.29 5.59 -16.96
C ALA A 113 -16.49 6.04 -15.75
N SER A 114 -15.36 6.62 -16.12
CA SER A 114 -14.39 7.21 -15.23
C SER A 114 -13.96 6.27 -14.09
N LEU A 115 -14.14 6.58 -12.81
CA LEU A 115 -13.72 5.73 -11.69
C LEU A 115 -14.46 4.40 -11.65
N SER A 116 -15.72 4.39 -12.12
CA SER A 116 -16.51 3.18 -12.14
C SER A 116 -15.98 2.23 -13.17
N ALA A 117 -15.31 2.69 -14.21
CA ALA A 117 -14.72 1.79 -15.15
C ALA A 117 -13.55 1.04 -14.47
N ARG A 118 -12.83 1.52 -13.44
CA ARG A 118 -11.76 0.75 -12.80
C ARG A 118 -12.35 -0.41 -12.02
N VAL A 119 -13.48 -0.14 -11.38
CA VAL A 119 -14.22 -1.16 -10.66
C VAL A 119 -14.70 -2.25 -11.64
N ALA A 120 -15.17 -1.88 -12.85
CA ALA A 120 -15.59 -2.85 -13.87
C ALA A 120 -14.43 -3.70 -14.39
N TYR A 121 -13.28 -3.11 -14.78
CA TYR A 121 -12.06 -3.84 -15.20
C TYR A 121 -11.58 -4.83 -14.14
N GLU A 122 -11.94 -4.59 -12.91
CA GLU A 122 -11.55 -5.42 -11.81
C GLU A 122 -12.26 -6.77 -11.79
N VAL A 123 -13.49 -6.79 -12.24
CA VAL A 123 -14.21 -8.05 -12.19
C VAL A 123 -14.46 -8.63 -13.56
N ILE A 124 -13.88 -8.18 -14.67
CA ILE A 124 -14.24 -8.72 -15.95
C ILE A 124 -13.73 -10.10 -16.28
N SER A 125 -12.76 -10.55 -15.48
CA SER A 125 -12.32 -11.92 -15.61
C SER A 125 -13.10 -12.85 -14.70
N ASP A 126 -13.99 -12.32 -13.87
CA ASP A 126 -14.77 -13.10 -12.94
C ASP A 126 -16.24 -13.02 -13.37
N LEU A 127 -16.72 -11.95 -14.04
CA LEU A 127 -18.13 -11.88 -14.37
C LEU A 127 -18.48 -12.36 -15.75
N GLU A 128 -19.70 -12.88 -15.81
CA GLU A 128 -20.31 -13.43 -17.00
C GLU A 128 -21.13 -12.33 -17.66
N LEU A 129 -20.45 -11.54 -18.49
CA LEU A 129 -21.05 -10.37 -19.10
C LEU A 129 -21.04 -10.58 -20.57
N SER A 130 -22.01 -10.08 -21.34
CA SER A 130 -21.92 -10.18 -22.79
C SER A 130 -20.96 -9.16 -23.35
N PHE A 131 -20.76 -8.02 -22.69
CA PHE A 131 -19.85 -7.01 -23.16
C PHE A 131 -19.72 -5.97 -22.08
N LEU A 132 -18.66 -5.20 -22.28
CA LEU A 132 -18.38 -4.07 -21.41
C LEU A 132 -18.10 -2.87 -22.30
N ILE A 133 -18.70 -1.71 -22.03
CA ILE A 133 -18.33 -0.50 -22.77
C ILE A 133 -17.79 0.49 -21.76
N THR A 134 -16.63 1.14 -21.91
CA THR A 134 -16.24 2.13 -20.93
C THR A 134 -15.99 3.45 -21.59
N ALA A 135 -16.20 4.52 -20.86
CA ALA A 135 -15.83 5.85 -21.37
C ALA A 135 -14.84 6.52 -20.39
N VAL A 136 -13.77 7.13 -20.92
CA VAL A 136 -12.67 7.77 -20.17
C VAL A 136 -12.36 7.02 -18.85
N GLY A 137 -12.19 5.70 -18.98
CA GLY A 137 -12.10 4.82 -17.84
C GLY A 137 -10.71 4.83 -17.24
N VAL A 138 -10.61 4.87 -15.92
CA VAL A 138 -9.31 4.98 -15.31
C VAL A 138 -8.67 3.61 -15.23
N VAL A 139 -7.44 3.56 -15.70
CA VAL A 139 -6.67 2.32 -15.68
C VAL A 139 -5.61 2.39 -14.61
N ASN A 140 -5.19 3.60 -14.21
CA ASN A 140 -4.10 3.80 -13.26
C ASN A 140 -4.62 4.71 -12.22
N LEU A 141 -5.24 4.21 -11.14
CA LEU A 141 -5.83 5.05 -10.12
C LEU A 141 -4.90 6.07 -9.51
N ARG A 142 -3.70 5.69 -9.04
CA ARG A 142 -2.79 6.64 -8.41
C ARG A 142 -2.44 7.82 -9.33
N ASP A 143 -2.03 7.61 -10.56
CA ASP A 143 -1.81 8.67 -11.50
C ASP A 143 -3.03 9.52 -11.78
N THR A 144 -4.22 8.99 -12.03
CA THR A 144 -5.41 9.82 -12.25
C THR A 144 -5.70 10.65 -11.02
N LEU A 145 -5.71 10.12 -9.80
CA LEU A 145 -5.99 10.89 -8.61
C LEU A 145 -4.97 11.99 -8.38
N GLU A 146 -3.73 11.75 -8.75
CA GLU A 146 -2.73 12.78 -8.71
C GLU A 146 -3.13 13.93 -9.65
N LYS A 147 -3.47 13.62 -10.92
CA LYS A 147 -3.85 14.61 -11.91
C LYS A 147 -5.10 15.39 -11.56
N ALA A 148 -6.04 14.66 -11.00
CA ALA A 148 -7.24 15.28 -10.53
C ALA A 148 -7.07 16.16 -9.30
N LEU A 149 -6.25 15.80 -8.32
CA LEU A 149 -6.20 16.50 -7.04
C LEU A 149 -4.99 17.41 -6.97
N GLY A 150 -4.12 17.36 -7.93
CA GLY A 150 -2.97 18.22 -7.98
C GLY A 150 -1.81 17.67 -7.17
N PHE A 151 -2.00 16.64 -6.33
CA PHE A 151 -0.92 16.10 -5.53
C PHE A 151 -1.12 14.60 -5.43
N ASP A 152 -0.03 13.84 -5.31
CA ASP A 152 -0.05 12.41 -5.09
C ASP A 152 -0.24 12.17 -3.60
N TYR A 153 -1.46 12.18 -3.12
CA TYR A 153 -1.73 11.95 -1.72
C TYR A 153 -1.38 10.54 -1.28
N LEU A 154 -1.38 9.57 -2.20
CA LEU A 154 -1.02 8.23 -1.84
C LEU A 154 0.46 8.12 -1.45
N SER A 155 1.31 9.12 -1.68
CA SER A 155 2.70 9.11 -1.26
C SER A 155 2.81 9.52 0.21
N LEU A 156 1.79 10.04 0.87
CA LEU A 156 1.92 10.50 2.22
C LEU A 156 1.73 9.37 3.20
N PRO A 157 2.26 9.42 4.42
CA PRO A 157 1.89 8.53 5.50
C PRO A 157 0.40 8.72 5.71
N ILE A 158 -0.30 7.62 5.87
CA ILE A 158 -1.74 7.64 6.09
C ILE A 158 -2.23 8.64 7.14
N ASP A 159 -1.39 8.86 8.14
CA ASP A 159 -1.76 9.74 9.24
C ASP A 159 -1.54 11.25 8.95
N GLU A 160 -0.88 11.60 7.85
CA GLU A 160 -0.70 12.96 7.41
C GLU A 160 -1.70 13.30 6.31
N LEU A 161 -2.78 12.56 6.22
CA LEU A 161 -3.72 12.76 5.12
C LEU A 161 -4.70 13.84 5.57
N PRO A 162 -5.01 14.83 4.70
CA PRO A 162 -6.18 15.70 4.85
C PRO A 162 -7.43 14.89 5.15
N ASN A 163 -8.37 15.41 5.92
CA ASN A 163 -9.58 14.68 6.27
C ASN A 163 -10.42 14.13 5.12
N ASP A 164 -10.60 14.89 4.03
CA ASP A 164 -11.30 14.38 2.87
C ASP A 164 -10.70 14.96 1.61
N LEU A 165 -10.99 14.29 0.50
CA LEU A 165 -10.53 14.65 -0.82
C LEU A 165 -11.79 14.93 -1.66
N ASP A 166 -11.71 15.79 -2.68
CA ASP A 166 -12.87 16.19 -3.45
C ASP A 166 -12.58 15.71 -4.87
N PHE A 167 -13.13 14.54 -5.24
CA PHE A 167 -12.90 13.97 -6.56
C PHE A 167 -14.31 13.99 -7.09
N GLU A 168 -14.61 15.06 -7.82
CA GLU A 168 -16.00 15.22 -8.16
C GLU A 168 -16.51 14.43 -9.33
N GLY A 169 -17.53 14.00 -8.60
CA GLY A 169 -18.52 12.99 -8.85
C GLY A 169 -19.09 12.95 -7.43
N HIS A 170 -18.23 12.87 -6.38
CA HIS A 170 -18.58 12.95 -4.96
C HIS A 170 -17.40 13.47 -4.11
N LYS A 171 -17.32 13.30 -2.79
CA LYS A 171 -16.22 13.75 -1.94
C LYS A 171 -15.77 12.50 -1.16
N LEU A 172 -14.50 12.33 -0.75
CA LEU A 172 -14.02 11.03 -0.30
C LEU A 172 -13.36 11.16 1.04
N GLY A 173 -13.64 10.31 2.02
CA GLY A 173 -12.92 10.30 3.30
C GLY A 173 -11.52 9.73 3.04
N SER A 174 -10.46 10.52 3.21
CA SER A 174 -9.12 10.13 2.82
C SER A 174 -8.57 8.84 3.37
N GLU A 175 -8.65 8.60 4.67
CA GLU A 175 -8.05 7.41 5.26
C GLU A 175 -8.67 6.08 4.85
N VAL A 176 -10.01 5.99 4.91
CA VAL A 176 -10.80 4.82 4.56
C VAL A 176 -10.51 4.44 3.13
N PHE A 177 -10.63 5.43 2.25
CA PHE A 177 -10.35 5.21 0.84
C PHE A 177 -8.91 4.91 0.52
N VAL A 178 -7.90 5.57 1.09
CA VAL A 178 -6.51 5.28 0.75
C VAL A 178 -6.10 3.94 1.38
N ARG A 179 -6.60 3.61 2.58
CA ARG A 179 -6.30 2.33 3.18
C ARG A 179 -6.78 1.21 2.25
N ASP A 180 -8.00 1.29 1.71
CA ASP A 180 -8.52 0.27 0.82
C ASP A 180 -7.74 0.20 -0.46
N CYS A 181 -7.24 1.30 -1.03
CA CYS A 181 -6.42 1.24 -2.23
C CYS A 181 -5.27 0.30 -2.09
N PHE A 182 -4.57 0.39 -0.95
CA PHE A 182 -3.35 -0.36 -0.76
C PHE A 182 -3.58 -1.82 -0.39
N GLU A 183 -4.53 -2.03 0.52
CA GLU A 183 -4.99 -3.29 1.01
C GLU A 183 -5.69 -4.17 -0.01
N HIS A 184 -6.42 -3.56 -0.96
CA HIS A 184 -7.01 -4.35 -2.01
C HIS A 184 -6.38 -4.06 -3.38
N HIS A 185 -5.19 -3.51 -3.31
CA HIS A 185 -4.34 -3.26 -4.50
C HIS A 185 -5.11 -2.67 -5.70
N TRP A 186 -5.66 -1.46 -5.53
CA TRP A 186 -6.42 -0.76 -6.62
C TRP A 186 -5.54 0.25 -7.33
N ASP A 187 -4.41 0.48 -6.70
CA ASP A 187 -3.64 1.64 -7.01
C ASP A 187 -2.84 1.74 -8.25
N THR A 188 -2.35 0.64 -8.83
CA THR A 188 -1.37 0.68 -9.92
C THR A 188 -1.96 0.34 -11.27
N LEU A 189 -1.24 0.66 -12.34
CA LEU A 189 -1.61 0.19 -13.64
C LEU A 189 -1.52 -1.34 -13.69
N ASP A 190 -0.56 -1.99 -12.99
CA ASP A 190 -0.43 -3.44 -12.99
C ASP A 190 -1.62 -4.15 -12.40
N SER A 191 -2.26 -3.64 -11.36
CA SER A 191 -3.37 -4.32 -10.81
C SER A 191 -4.49 -4.44 -11.83
N THR A 192 -4.60 -3.46 -12.73
CA THR A 192 -5.56 -3.44 -13.80
C THR A 192 -5.15 -4.47 -14.83
N LEU A 193 -3.93 -4.37 -15.36
CA LEU A 193 -3.50 -5.28 -16.38
C LEU A 193 -3.59 -6.71 -15.88
N ASP A 194 -3.38 -7.04 -14.61
CA ASP A 194 -3.52 -8.43 -14.16
C ASP A 194 -4.94 -8.90 -14.26
N LYS A 195 -5.86 -7.99 -14.02
CA LYS A 195 -7.26 -8.36 -14.02
C LYS A 195 -7.86 -8.57 -15.39
N VAL A 196 -7.47 -7.67 -16.26
CA VAL A 196 -7.99 -7.62 -17.60
C VAL A 196 -7.51 -8.79 -18.47
N ALA A 197 -6.25 -9.18 -18.28
CA ALA A 197 -5.51 -10.20 -19.00
C ALA A 197 -6.21 -11.45 -19.53
N ASN A 198 -6.91 -12.15 -18.64
CA ASN A 198 -7.56 -13.40 -19.00
C ASN A 198 -9.04 -13.18 -19.29
N THR A 199 -9.51 -12.02 -19.76
CA THR A 199 -10.94 -11.91 -19.96
C THR A 199 -11.35 -12.42 -21.35
N SER A 200 -12.63 -12.78 -21.38
CA SER A 200 -13.32 -13.15 -22.61
C SER A 200 -14.44 -12.16 -23.01
N VAL A 201 -14.81 -11.24 -22.09
CA VAL A 201 -15.81 -10.22 -22.33
C VAL A 201 -15.30 -9.28 -23.44
N PRO A 202 -16.02 -9.13 -24.58
CA PRO A 202 -15.78 -8.08 -25.57
C PRO A 202 -15.79 -6.71 -24.88
N LEU A 203 -14.94 -5.74 -25.27
CA LEU A 203 -14.82 -4.43 -24.60
C LEU A 203 -14.66 -3.33 -25.62
N ILE A 204 -15.40 -2.22 -25.54
CA ILE A 204 -15.06 -1.10 -26.41
C ILE A 204 -14.69 -0.05 -25.37
N ALA A 205 -13.56 0.63 -25.58
CA ALA A 205 -13.01 1.66 -24.72
C ALA A 205 -13.07 2.99 -25.46
N PHE A 206 -13.79 3.98 -24.95
CA PHE A 206 -13.78 5.30 -25.57
C PHE A 206 -12.81 6.16 -24.75
N THR A 207 -11.79 6.78 -25.33
CA THR A 207 -11.00 7.73 -24.58
C THR A 207 -11.39 9.14 -25.07
N ALA A 208 -11.32 10.17 -24.23
CA ALA A 208 -11.53 11.55 -24.68
C ALA A 208 -10.20 12.07 -25.17
N ASN A 209 -10.39 12.76 -26.26
CA ASN A 209 -9.35 13.43 -27.01
C ASN A 209 -8.35 14.24 -26.16
N ASN A 210 -8.75 15.27 -25.41
CA ASN A 210 -7.88 16.11 -24.59
C ASN A 210 -8.03 15.66 -23.14
N ASP A 211 -7.88 14.36 -22.81
CA ASP A 211 -8.07 13.90 -21.46
C ASP A 211 -6.79 13.98 -20.64
N ASP A 212 -6.59 15.03 -19.86
CA ASP A 212 -5.41 15.17 -19.00
C ASP A 212 -5.32 14.19 -17.84
N TRP A 213 -6.38 13.46 -17.54
CA TRP A 213 -6.37 12.60 -16.38
C TRP A 213 -6.12 11.13 -16.62
N VAL A 214 -6.38 10.64 -17.85
CA VAL A 214 -6.26 9.23 -18.16
C VAL A 214 -5.25 9.24 -19.31
N LYS A 215 -4.09 8.62 -19.15
CA LYS A 215 -3.10 8.63 -20.24
C LYS A 215 -3.53 7.63 -21.31
N GLN A 216 -3.67 8.04 -22.59
CA GLN A 216 -4.20 7.14 -23.62
C GLN A 216 -3.31 5.95 -23.91
N GLU A 217 -2.02 6.17 -23.75
CA GLU A 217 -1.04 5.11 -23.90
C GLU A 217 -1.28 4.04 -22.87
N GLU A 218 -1.70 4.40 -21.65
CA GLU A 218 -1.98 3.42 -20.62
C GLU A 218 -3.22 2.66 -21.00
N VAL A 219 -4.19 3.26 -21.68
CA VAL A 219 -5.38 2.52 -22.10
C VAL A 219 -5.02 1.52 -23.19
N TYR A 220 -4.24 1.94 -24.18
CA TYR A 220 -3.76 1.04 -25.22
C TYR A 220 -2.99 -0.11 -24.59
N ASP A 221 -2.07 0.13 -23.66
CA ASP A 221 -1.36 -0.91 -22.93
C ASP A 221 -2.28 -1.89 -22.24
N MET A 222 -3.38 -1.45 -21.67
CA MET A 222 -4.33 -2.35 -21.03
C MET A 222 -5.06 -3.16 -22.09
N LEU A 223 -5.45 -2.55 -23.20
CA LEU A 223 -6.13 -3.26 -24.26
C LEU A 223 -5.18 -4.31 -24.84
N ALA A 224 -3.90 -3.96 -24.94
CA ALA A 224 -2.86 -4.86 -25.42
C ALA A 224 -2.58 -6.00 -24.44
N HIS A 225 -3.26 -6.13 -23.32
CA HIS A 225 -2.98 -7.22 -22.41
C HIS A 225 -4.10 -8.20 -22.38
N ILE A 226 -5.16 -7.79 -23.07
CA ILE A 226 -6.31 -8.63 -23.18
C ILE A 226 -5.88 -9.61 -24.26
N ARG A 227 -5.55 -10.77 -23.73
CA ARG A 227 -5.07 -11.87 -24.55
C ARG A 227 -6.10 -12.42 -25.54
N THR A 228 -7.40 -12.11 -25.51
CA THR A 228 -8.27 -12.50 -26.62
C THR A 228 -8.15 -11.56 -27.82
N GLY A 229 -7.59 -10.34 -27.71
CA GLY A 229 -7.49 -9.39 -28.82
C GLY A 229 -8.87 -8.99 -29.35
N HIS A 230 -9.88 -9.12 -28.48
CA HIS A 230 -11.28 -8.91 -28.79
C HIS A 230 -11.82 -7.61 -28.17
N CYS A 231 -11.23 -6.50 -28.58
CA CYS A 231 -11.51 -5.24 -27.93
C CYS A 231 -11.38 -4.15 -28.97
N LYS A 232 -11.82 -2.92 -28.71
CA LYS A 232 -11.54 -1.86 -29.65
C LYS A 232 -11.41 -0.57 -28.87
N LEU A 233 -10.66 0.41 -29.32
CA LEU A 233 -10.59 1.68 -28.63
C LEU A 233 -11.15 2.70 -29.61
N TYR A 234 -11.95 3.67 -29.21
CA TYR A 234 -12.45 4.69 -30.10
C TYR A 234 -12.30 5.99 -29.34
N SER A 235 -12.27 7.16 -29.97
CA SER A 235 -12.10 8.39 -29.23
C SER A 235 -13.25 9.38 -29.40
N LEU A 236 -13.61 10.00 -28.29
CA LEU A 236 -14.61 11.04 -28.25
C LEU A 236 -13.89 12.36 -28.55
N LEU A 237 -14.34 12.93 -29.66
CA LEU A 237 -13.87 14.18 -30.20
C LEU A 237 -13.89 15.33 -29.24
N GLY A 238 -12.86 16.17 -29.34
CA GLY A 238 -12.75 17.44 -28.62
C GLY A 238 -13.28 17.50 -27.17
N SER A 239 -13.21 16.37 -26.47
CA SER A 239 -13.68 16.29 -25.11
C SER A 239 -12.46 16.24 -24.20
N SER A 240 -12.61 16.64 -22.95
CA SER A 240 -11.58 16.41 -21.99
C SER A 240 -12.18 15.30 -21.09
N HIS A 241 -11.82 15.09 -19.81
CA HIS A 241 -12.43 14.03 -19.01
C HIS A 241 -13.89 14.37 -18.70
N ASP A 242 -14.29 15.65 -18.81
CA ASP A 242 -15.63 16.05 -18.40
C ASP A 242 -16.59 15.91 -19.57
N LEU A 243 -17.38 14.86 -19.44
CA LEU A 243 -18.32 14.51 -20.51
C LEU A 243 -19.61 15.34 -20.47
N GLY A 244 -19.70 16.24 -19.48
CA GLY A 244 -20.86 17.09 -19.31
C GLY A 244 -20.47 18.55 -19.39
N GLU A 245 -19.33 18.77 -20.03
CA GLU A 245 -18.72 20.05 -20.31
C GLU A 245 -19.67 20.99 -21.08
N ASN A 246 -20.38 20.49 -22.08
CA ASN A 246 -21.37 21.27 -22.82
C ASN A 246 -22.28 20.25 -23.50
N LEU A 247 -23.32 20.68 -24.23
CA LEU A 247 -24.30 19.76 -24.80
C LEU A 247 -23.82 19.02 -25.99
N VAL A 248 -22.81 19.52 -26.68
CA VAL A 248 -22.23 18.81 -27.79
C VAL A 248 -21.35 17.64 -27.34
N VAL A 249 -20.53 17.84 -26.32
CA VAL A 249 -19.69 16.81 -25.76
C VAL A 249 -20.60 15.78 -25.15
N LEU A 250 -21.71 16.18 -24.51
CA LEU A 250 -22.61 15.23 -23.87
C LEU A 250 -23.28 14.33 -24.91
N ARG A 251 -23.85 14.86 -25.99
CA ARG A 251 -24.57 14.01 -26.91
C ARG A 251 -23.60 13.25 -27.78
N ASN A 252 -22.37 13.70 -27.95
CA ASN A 252 -21.39 12.87 -28.63
C ASN A 252 -21.09 11.65 -27.74
N PHE A 253 -21.17 11.74 -26.42
CA PHE A 253 -21.00 10.59 -25.53
C PHE A 253 -22.23 9.69 -25.65
N TYR A 254 -23.40 10.25 -25.55
CA TYR A 254 -24.62 9.50 -25.64
C TYR A 254 -24.77 8.73 -26.94
N GLN A 255 -24.47 9.34 -28.06
CA GLN A 255 -24.66 8.68 -29.32
C GLN A 255 -23.59 7.61 -29.48
N SER A 256 -22.32 7.85 -29.07
CA SER A 256 -21.24 6.89 -29.23
C SER A 256 -21.49 5.63 -28.46
N VAL A 257 -21.83 5.80 -27.20
CA VAL A 257 -22.12 4.65 -26.35
C VAL A 257 -23.38 3.91 -26.84
N THR A 258 -24.36 4.56 -27.52
CA THR A 258 -25.56 3.87 -27.95
C THR A 258 -25.26 3.09 -29.20
N LYS A 259 -24.47 3.60 -30.14
CA LYS A 259 -24.13 2.80 -31.28
C LYS A 259 -23.29 1.62 -30.86
N ALA A 260 -22.39 1.75 -29.89
CA ALA A 260 -21.62 0.64 -29.37
C ALA A 260 -22.53 -0.36 -28.67
N ALA A 261 -23.56 0.04 -27.91
CA ALA A 261 -24.40 -0.95 -27.30
C ALA A 261 -25.17 -1.73 -28.37
N ILE A 262 -25.53 -1.07 -29.47
CA ILE A 262 -26.31 -1.72 -30.51
C ILE A 262 -25.42 -2.67 -31.26
N ALA A 263 -24.19 -2.26 -31.62
CA ALA A 263 -23.29 -3.10 -32.38
C ALA A 263 -22.90 -4.36 -31.61
N MET A 264 -22.53 -4.16 -30.35
CA MET A 264 -22.10 -5.23 -29.48
C MET A 264 -23.24 -6.12 -29.08
N ASP A 265 -24.49 -5.64 -29.11
CA ASP A 265 -25.60 -6.54 -28.80
C ASP A 265 -25.75 -7.56 -29.91
N GLY A 266 -25.19 -7.25 -31.07
CA GLY A 266 -25.28 -8.15 -32.20
C GLY A 266 -23.97 -8.80 -32.54
N GLY A 267 -23.01 -8.83 -31.59
CA GLY A 267 -21.71 -9.45 -31.76
C GLY A 267 -20.68 -8.66 -32.56
N SER A 268 -20.98 -7.44 -32.94
CA SER A 268 -20.06 -6.61 -33.71
C SER A 268 -19.37 -5.59 -32.80
N LEU A 269 -18.22 -5.14 -33.28
CA LEU A 269 -17.41 -4.13 -32.60
C LEU A 269 -17.34 -2.89 -33.47
N GLU A 270 -17.92 -2.90 -34.68
CA GLU A 270 -17.89 -1.77 -35.61
C GLU A 270 -19.13 -0.97 -35.23
N ILE A 271 -19.01 0.33 -34.94
CA ILE A 271 -20.15 1.06 -34.39
C ILE A 271 -20.88 2.00 -35.29
N ASP A 272 -20.59 1.96 -36.59
CA ASP A 272 -21.23 2.80 -37.59
C ASP A 272 -22.53 2.07 -37.88
N VAL A 273 -23.46 2.31 -36.98
CA VAL A 273 -24.72 1.61 -36.94
C VAL A 273 -25.83 2.65 -36.83
N ASP A 274 -27.08 2.27 -37.10
CA ASP A 274 -28.17 3.24 -36.98
C ASP A 274 -28.85 3.20 -35.65
N PHE A 275 -29.30 4.37 -35.23
CA PHE A 275 -29.97 4.46 -33.95
C PHE A 275 -31.02 5.55 -34.04
N ILE A 276 -31.96 5.48 -33.12
CA ILE A 276 -32.99 6.45 -32.91
C ILE A 276 -32.50 7.36 -31.79
N GLU A 277 -32.50 8.67 -32.02
CA GLU A 277 -32.05 9.67 -31.07
C GLU A 277 -33.18 10.37 -30.29
N PRO A 278 -33.28 10.48 -28.95
CA PRO A 278 -34.35 11.24 -28.31
C PRO A 278 -34.21 12.71 -28.61
N ASP A 279 -35.33 13.43 -28.64
CA ASP A 279 -35.28 14.86 -28.85
C ASP A 279 -35.25 15.55 -27.51
N PHE A 280 -35.10 16.88 -27.47
CA PHE A 280 -34.94 17.58 -26.20
C PHE A 280 -36.12 17.43 -25.30
N GLU A 281 -37.32 17.25 -25.85
CA GLU A 281 -38.49 17.10 -25.01
C GLU A 281 -38.47 15.80 -24.22
N GLN A 282 -38.03 14.70 -24.86
CA GLN A 282 -37.98 13.38 -24.24
C GLN A 282 -36.91 13.45 -23.16
N LEU A 283 -35.77 14.07 -23.50
CA LEU A 283 -34.71 14.19 -22.53
C LEU A 283 -35.11 15.06 -21.37
N THR A 284 -35.95 16.10 -21.55
CA THR A 284 -36.42 16.94 -20.45
C THR A 284 -37.34 16.16 -19.54
N ILE A 285 -38.20 15.33 -20.14
CA ILE A 285 -39.12 14.50 -19.36
C ILE A 285 -38.30 13.54 -18.52
N ALA A 286 -37.33 12.84 -19.08
CA ALA A 286 -36.44 11.97 -18.29
C ALA A 286 -35.75 12.74 -17.15
N THR A 287 -35.19 13.95 -17.34
CA THR A 287 -34.63 14.76 -16.25
C THR A 287 -35.66 15.07 -15.17
N VAL A 288 -36.88 15.48 -15.47
CA VAL A 288 -37.81 15.83 -14.41
C VAL A 288 -38.41 14.63 -13.69
N ASN A 289 -38.50 13.58 -14.46
CA ASN A 289 -39.02 12.31 -14.00
C ASN A 289 -38.01 11.72 -13.01
N GLU A 290 -36.73 12.12 -13.00
CA GLU A 290 -35.79 11.69 -11.97
C GLU A 290 -36.19 12.29 -10.63
N ARG A 291 -36.57 13.56 -10.58
CA ARG A 291 -37.02 14.10 -9.32
C ARG A 291 -38.22 13.36 -8.78
N ARG A 292 -39.23 13.04 -9.58
CA ARG A 292 -40.31 12.17 -9.12
C ARG A 292 -39.80 10.83 -8.55
N LEU A 293 -38.86 10.14 -9.21
CA LEU A 293 -38.31 8.87 -8.72
C LEU A 293 -37.64 8.98 -7.37
N LYS A 294 -36.89 10.07 -7.13
CA LYS A 294 -36.18 10.31 -5.87
C LYS A 294 -37.16 10.37 -4.69
N ALA A 295 -38.32 10.99 -4.92
CA ALA A 295 -39.38 11.04 -3.92
C ALA A 295 -39.99 9.66 -3.77
N GLU A 296 -40.25 8.92 -4.84
CA GLU A 296 -40.81 7.58 -4.78
C GLU A 296 -40.00 6.64 -3.90
N ILE A 297 -38.69 6.62 -4.16
CA ILE A 297 -37.78 5.78 -3.41
C ILE A 297 -37.74 6.17 -1.93
N GLU A 298 -38.28 7.33 -1.53
CA GLU A 298 -38.36 7.72 -0.12
C GLU A 298 -39.12 6.63 0.62
N ASN A 299 -40.14 6.01 0.03
CA ASN A 299 -40.86 4.96 0.71
C ASN A 299 -41.06 3.84 -0.27
N ARG A 300 -40.12 2.93 -0.32
CA ARG A 300 -40.23 1.72 -1.12
C ARG A 300 -39.78 0.59 -0.21
N THR A 301 -40.33 -0.58 -0.51
CA THR A 301 -40.00 -1.79 0.21
C THR A 301 -38.60 -2.13 -0.27
N PRO A 302 -37.61 -2.37 0.60
CA PRO A 302 -36.34 -2.95 0.22
C PRO A 302 -36.56 -4.38 -0.25
N GLU A 303 -35.71 -4.81 -1.16
CA GLU A 303 -35.72 -6.15 -1.69
C GLU A 303 -34.44 -6.69 -1.11
N MET A 304 -34.49 -7.85 -0.50
CA MET A 304 -33.29 -8.39 0.12
C MET A 304 -32.38 -8.94 -0.95
N ALA A 305 -31.11 -8.72 -0.66
CA ALA A 305 -29.98 -9.14 -1.44
C ALA A 305 -28.78 -9.12 -0.46
N GLN B 4 27.19 -11.27 39.03
CA GLN B 4 26.70 -10.97 37.70
C GLN B 4 27.78 -10.05 37.16
N CYS B 5 27.99 -9.91 35.85
CA CYS B 5 28.88 -8.86 35.37
C CYS B 5 28.04 -7.56 35.47
N LYS B 6 28.62 -6.37 35.37
CA LYS B 6 27.90 -5.13 35.63
C LYS B 6 26.74 -4.66 34.76
N THR B 7 26.06 -5.48 33.94
CA THR B 7 24.99 -4.96 33.09
C THR B 7 23.76 -4.58 33.91
N ILE B 8 23.17 -3.43 33.70
CA ILE B 8 22.01 -3.00 34.46
C ILE B 8 20.77 -3.13 33.57
N ALA B 9 19.64 -3.62 34.06
CA ALA B 9 18.44 -3.73 33.25
C ALA B 9 17.60 -2.46 33.48
N HIS B 10 16.71 -1.99 32.59
CA HIS B 10 15.85 -0.84 32.84
C HIS B 10 14.57 -1.14 32.12
N VAL B 11 13.42 -0.71 32.60
CA VAL B 11 12.17 -0.90 31.89
C VAL B 11 11.66 0.53 31.64
N LEU B 12 11.51 0.97 30.39
CA LEU B 12 10.97 2.29 30.10
C LEU B 12 9.52 2.08 29.77
N ARG B 13 8.64 2.87 30.34
CA ARG B 13 7.24 2.72 30.11
C ARG B 13 6.93 4.00 29.37
N VAL B 14 6.37 3.95 28.18
CA VAL B 14 6.01 5.20 27.56
C VAL B 14 4.60 5.59 27.99
N ASN B 15 4.23 6.86 27.80
CA ASN B 15 2.93 7.43 28.19
C ASN B 15 1.63 6.73 27.74
N ASN B 16 1.70 5.60 27.04
CA ASN B 16 0.53 4.87 26.55
C ASN B 16 0.47 3.43 27.06
N GLY B 17 1.27 3.14 28.09
CA GLY B 17 1.29 1.82 28.70
C GLY B 17 2.01 0.78 27.88
N GLN B 18 3.02 1.16 27.09
CA GLN B 18 3.80 0.17 26.40
C GLN B 18 5.12 0.16 27.12
N GLU B 19 5.67 -1.01 27.37
CA GLU B 19 6.98 -1.08 27.95
C GLU B 19 8.04 -1.48 26.92
N LEU B 20 9.32 -1.27 27.24
CA LEU B 20 10.46 -1.57 26.38
C LEU B 20 11.62 -1.83 27.30
N HIS B 21 12.48 -2.78 27.03
CA HIS B 21 13.56 -3.17 27.95
C HIS B 21 14.90 -2.70 27.42
N VAL B 22 15.77 -2.14 28.27
CA VAL B 22 17.06 -1.61 27.85
C VAL B 22 18.09 -2.31 28.73
N TRP B 23 19.22 -2.75 28.19
CA TRP B 23 20.23 -3.48 28.94
C TRP B 23 21.48 -2.65 28.80
N GLU B 24 22.06 -2.20 29.91
CA GLU B 24 23.18 -1.29 29.88
C GLU B 24 24.47 -1.92 30.31
N THR B 25 25.55 -1.87 29.54
CA THR B 25 26.85 -2.37 29.95
C THR B 25 27.84 -1.19 30.00
N PRO B 26 28.37 -0.82 31.17
CA PRO B 26 29.36 0.24 31.30
C PRO B 26 30.71 -0.20 30.69
N PRO B 27 31.64 0.71 30.32
CA PRO B 27 32.95 0.35 29.79
C PRO B 27 33.84 -0.33 30.80
N LYS B 28 34.84 -1.04 30.33
CA LYS B 28 35.80 -1.58 31.25
C LYS B 28 36.67 -0.44 31.77
N GLU B 29 36.98 -0.64 33.02
CA GLU B 29 37.73 0.30 33.81
C GLU B 29 39.00 0.93 33.29
N ASN B 30 39.98 0.16 32.86
CA ASN B 30 41.23 0.81 32.56
C ASN B 30 41.52 0.74 31.11
N VAL B 31 40.57 1.20 30.30
CA VAL B 31 40.83 1.22 28.86
C VAL B 31 40.63 2.68 28.48
N PRO B 32 41.22 3.18 27.37
CA PRO B 32 41.05 4.55 26.91
C PRO B 32 39.59 4.92 26.71
N PHE B 33 39.36 6.21 26.96
CA PHE B 33 38.03 6.83 26.87
C PHE B 33 37.47 6.78 25.48
N LYS B 34 36.15 6.52 25.44
CA LYS B 34 35.45 6.54 24.18
C LYS B 34 34.36 7.59 24.30
N ASN B 35 34.39 8.47 23.30
CA ASN B 35 33.49 9.60 23.30
C ASN B 35 32.01 9.26 23.11
N ASN B 36 31.68 8.22 22.37
CA ASN B 36 30.29 7.93 22.00
C ASN B 36 29.74 6.78 22.81
N THR B 37 28.52 6.95 23.34
CA THR B 37 27.72 5.89 23.89
C THR B 37 27.22 5.07 22.70
N ILE B 38 26.98 3.75 22.77
CA ILE B 38 26.52 3.02 21.61
C ILE B 38 25.16 2.45 21.92
N LEU B 39 24.19 2.62 21.01
CA LEU B 39 22.88 1.96 21.07
C LEU B 39 22.95 0.80 20.06
N ILE B 40 22.36 -0.36 20.38
CA ILE B 40 22.34 -1.56 19.55
C ILE B 40 20.87 -1.99 19.51
N ALA B 41 20.29 -2.06 18.33
CA ALA B 41 18.90 -2.49 18.20
C ALA B 41 18.97 -4.00 18.38
N SER B 42 18.43 -4.56 19.47
CA SER B 42 18.63 -5.97 19.68
C SER B 42 17.35 -6.79 19.77
N GLY B 43 16.20 -6.18 19.45
CA GLY B 43 14.89 -6.83 19.54
C GLY B 43 14.83 -8.11 18.72
N PHE B 44 15.24 -8.06 17.46
CA PHE B 44 15.16 -9.25 16.62
C PHE B 44 16.39 -10.18 16.73
N ALA B 45 17.12 -10.19 17.83
CA ALA B 45 18.37 -10.90 17.80
C ALA B 45 18.42 -12.11 18.70
N ARG B 46 17.31 -12.83 18.84
CA ARG B 46 17.19 -14.02 19.70
C ARG B 46 18.28 -15.04 19.39
N ARG B 47 18.40 -15.30 18.10
CA ARG B 47 19.38 -16.26 17.65
C ARG B 47 20.80 -15.78 17.84
N MET B 48 20.96 -14.47 18.03
CA MET B 48 22.25 -13.82 18.25
C MET B 48 22.44 -13.57 19.74
N ASP B 49 21.69 -14.25 20.58
CA ASP B 49 21.72 -14.07 22.02
C ASP B 49 21.61 -12.58 22.37
N HIS B 50 20.70 -11.91 21.64
CA HIS B 50 20.36 -10.49 21.85
C HIS B 50 21.55 -9.59 21.97
N PHE B 51 22.58 -9.97 21.22
CA PHE B 51 23.81 -9.25 21.11
C PHE B 51 24.63 -9.07 22.40
N ALA B 52 24.47 -9.98 23.37
CA ALA B 52 25.24 -10.00 24.60
C ALA B 52 26.74 -10.02 24.38
N GLY B 53 27.26 -10.77 23.42
CA GLY B 53 28.69 -10.80 23.21
C GLY B 53 29.23 -9.62 22.44
N LEU B 54 28.41 -8.89 21.67
CA LEU B 54 28.91 -7.73 20.93
C LEU B 54 29.08 -6.63 21.94
N ALA B 55 28.18 -6.55 22.93
CA ALA B 55 28.28 -5.61 24.00
C ALA B 55 29.59 -5.94 24.70
N GLU B 56 29.89 -7.22 25.00
CA GLU B 56 31.13 -7.60 25.65
C GLU B 56 32.33 -7.09 24.92
N TYR B 57 32.40 -7.36 23.63
CA TYR B 57 33.45 -6.90 22.79
C TYR B 57 33.62 -5.41 22.88
N LEU B 58 32.49 -4.70 22.81
CA LEU B 58 32.51 -3.24 22.80
C LEU B 58 32.88 -2.60 24.12
N SER B 59 32.38 -3.06 25.27
CA SER B 59 32.69 -2.46 26.54
C SER B 59 34.11 -2.87 26.90
N THR B 60 34.60 -4.05 26.49
CA THR B 60 35.97 -4.42 26.78
C THR B 60 36.89 -3.43 26.06
N ASN B 61 36.35 -2.65 25.10
CA ASN B 61 37.17 -1.67 24.40
C ASN B 61 36.88 -0.19 24.75
N GLY B 62 36.08 0.01 25.79
CA GLY B 62 35.82 1.31 26.32
C GLY B 62 34.47 1.85 25.98
N PHE B 63 33.57 1.19 25.24
CA PHE B 63 32.27 1.80 24.99
C PHE B 63 31.23 1.51 26.06
N HIS B 64 30.36 2.49 26.32
CA HIS B 64 29.22 2.37 27.22
C HIS B 64 28.09 2.04 26.25
N VAL B 65 27.42 0.91 26.51
CA VAL B 65 26.53 0.31 25.56
C VAL B 65 25.14 0.21 26.12
N PHE B 66 24.15 0.45 25.26
CA PHE B 66 22.77 0.24 25.61
C PHE B 66 22.21 -0.58 24.47
N ARG B 67 21.41 -1.57 24.82
CA ARG B 67 20.78 -2.49 23.89
C ARG B 67 19.30 -2.36 24.20
N TYR B 68 18.38 -2.26 23.25
CA TYR B 68 16.99 -2.09 23.62
C TYR B 68 16.18 -3.07 22.79
N ASP B 69 15.06 -3.50 23.31
CA ASP B 69 14.15 -4.37 22.55
C ASP B 69 13.13 -3.57 21.74
N SER B 70 11.85 -3.96 21.73
CA SER B 70 10.77 -3.30 21.05
C SER B 70 9.71 -3.00 22.08
N LEU B 71 9.01 -1.88 21.85
CA LEU B 71 7.87 -1.46 22.63
C LEU B 71 6.83 -2.55 22.62
N HIS B 72 6.08 -2.79 23.67
CA HIS B 72 5.00 -3.78 23.64
C HIS B 72 4.16 -3.50 24.88
N HIS B 73 2.99 -4.12 25.00
CA HIS B 73 2.16 -3.90 26.17
C HIS B 73 2.66 -5.03 27.07
N GLU B 83 1.14 -7.66 15.99
CA GLU B 83 2.19 -7.84 16.96
C GLU B 83 3.10 -6.69 16.50
N PHE B 84 4.39 -6.91 16.23
CA PHE B 84 5.33 -5.92 15.78
C PHE B 84 5.02 -5.46 14.37
N THR B 85 5.24 -4.16 14.19
CA THR B 85 5.15 -3.52 12.90
C THR B 85 6.47 -2.74 12.81
N MET B 86 6.93 -2.34 11.62
CA MET B 86 8.13 -1.54 11.43
C MET B 86 8.08 -0.16 12.10
N THR B 87 6.87 0.38 12.26
CA THR B 87 6.69 1.66 12.91
C THR B 87 6.88 1.45 14.40
N THR B 88 6.44 0.32 14.95
CA THR B 88 6.75 0.02 16.35
C THR B 88 8.26 -0.03 16.57
N GLY B 89 9.00 -0.51 15.58
CA GLY B 89 10.43 -0.53 15.63
C GLY B 89 10.92 0.91 15.67
N LYS B 90 10.48 1.81 14.79
CA LYS B 90 10.93 3.19 14.78
C LYS B 90 10.56 3.89 16.08
N ASN B 91 9.42 3.64 16.70
CA ASN B 91 9.10 4.33 17.90
C ASN B 91 9.90 3.85 19.07
N SER B 92 10.33 2.59 19.06
CA SER B 92 11.19 2.08 20.11
C SER B 92 12.57 2.76 20.08
N LEU B 93 13.17 2.94 18.88
CA LEU B 93 14.46 3.60 18.76
C LEU B 93 14.33 5.09 19.18
N CYS B 94 13.34 5.80 18.66
CA CYS B 94 13.05 7.16 19.03
C CYS B 94 12.80 7.26 20.55
N THR B 95 12.14 6.31 21.21
CA THR B 95 11.95 6.38 22.66
C THR B 95 13.30 6.32 23.39
N VAL B 96 14.14 5.31 23.13
CA VAL B 96 15.41 5.19 23.83
C VAL B 96 16.35 6.36 23.56
N TYR B 97 16.47 6.83 22.33
CA TYR B 97 17.28 7.96 21.98
C TYR B 97 16.84 9.16 22.80
N HIS B 98 15.55 9.45 22.79
CA HIS B 98 15.03 10.56 23.57
C HIS B 98 15.30 10.39 25.08
N TRP B 99 15.20 9.18 25.61
CA TRP B 99 15.47 8.88 27.02
C TRP B 99 16.94 9.12 27.35
N LEU B 100 17.90 8.71 26.54
CA LEU B 100 19.31 8.93 26.76
C LEU B 100 19.62 10.43 26.72
N GLN B 101 18.88 11.15 25.88
CA GLN B 101 19.05 12.58 25.77
C GLN B 101 18.70 13.26 27.06
N THR B 102 17.60 12.83 27.69
CA THR B 102 17.19 13.38 28.97
C THR B 102 18.23 13.04 30.03
N LYS B 103 19.01 11.98 29.89
CA LYS B 103 20.07 11.69 30.83
C LYS B 103 21.29 12.55 30.52
N GLY B 104 21.21 13.39 29.48
CA GLY B 104 22.27 14.30 29.16
C GLY B 104 23.30 13.65 28.28
N THR B 105 23.05 12.45 27.79
CA THR B 105 23.98 11.84 26.90
C THR B 105 23.89 12.53 25.56
N GLN B 106 25.02 12.90 25.03
CA GLN B 106 24.96 13.67 23.83
C GLN B 106 25.48 13.05 22.58
N ASN B 107 26.49 12.19 22.66
CA ASN B 107 27.13 11.70 21.45
C ASN B 107 26.74 10.25 21.39
N ILE B 108 26.01 9.85 20.36
CA ILE B 108 25.43 8.51 20.32
C ILE B 108 25.59 7.92 18.95
N GLY B 109 26.24 6.76 18.89
CA GLY B 109 26.42 5.95 17.69
C GLY B 109 25.35 4.87 17.68
N LEU B 110 24.99 4.24 16.56
CA LEU B 110 23.95 3.22 16.52
C LEU B 110 24.50 2.08 15.69
N ILE B 111 24.16 0.85 16.07
CA ILE B 111 24.55 -0.35 15.31
C ILE B 111 23.23 -1.10 15.08
N ALA B 112 22.93 -1.50 13.86
CA ALA B 112 21.69 -2.16 13.54
C ALA B 112 21.96 -3.20 12.48
N ALA B 113 21.24 -4.32 12.47
CA ALA B 113 21.52 -5.42 11.57
C ALA B 113 20.23 -5.91 10.95
N SER B 114 20.24 -6.41 9.72
CA SER B 114 19.07 -7.00 9.09
C SER B 114 17.85 -6.10 9.08
N LEU B 115 16.64 -6.54 9.46
CA LEU B 115 15.41 -5.78 9.54
C LEU B 115 15.55 -4.46 10.29
N SER B 116 16.26 -4.47 11.44
CA SER B 116 16.48 -3.28 12.26
C SER B 116 17.27 -2.23 11.53
N ALA B 117 18.13 -2.59 10.58
CA ALA B 117 18.85 -1.55 9.87
C ALA B 117 17.87 -0.75 9.01
N ARG B 118 16.73 -1.29 8.51
CA ARG B 118 15.77 -0.52 7.72
C ARG B 118 15.15 0.56 8.62
N VAL B 119 14.77 0.21 9.84
CA VAL B 119 14.29 1.17 10.81
C VAL B 119 15.29 2.31 11.00
N ALA B 120 16.59 1.98 11.08
CA ALA B 120 17.70 2.94 11.25
C ALA B 120 17.82 3.89 10.06
N TYR B 121 17.71 3.36 8.83
CA TYR B 121 17.71 4.20 7.65
C TYR B 121 16.47 5.08 7.59
N GLU B 122 15.35 4.71 8.19
CA GLU B 122 14.19 5.55 8.17
C GLU B 122 14.39 6.87 8.91
N VAL B 123 15.08 6.85 10.03
CA VAL B 123 15.24 8.04 10.85
C VAL B 123 16.59 8.69 10.75
N ILE B 124 17.54 8.30 9.89
CA ILE B 124 18.84 8.91 9.92
C ILE B 124 18.91 10.30 9.38
N SER B 125 17.89 10.80 8.67
CA SER B 125 17.95 12.21 8.40
C SER B 125 17.27 12.99 9.53
N ASP B 126 16.65 12.41 10.56
CA ASP B 126 16.01 13.20 11.61
C ASP B 126 16.85 13.15 12.87
N LEU B 127 17.61 12.09 13.19
CA LEU B 127 18.34 12.05 14.46
C LEU B 127 19.77 12.50 14.36
N GLU B 128 20.28 13.23 15.37
CA GLU B 128 21.69 13.62 15.41
C GLU B 128 22.51 12.48 16.00
N LEU B 129 22.92 11.54 15.18
CA LEU B 129 23.69 10.40 15.62
C LEU B 129 25.12 10.67 15.25
N SER B 130 26.17 10.28 15.99
CA SER B 130 27.55 10.46 15.49
C SER B 130 27.90 9.55 14.34
N PHE B 131 27.27 8.37 14.26
CA PHE B 131 27.52 7.44 13.18
C PHE B 131 26.49 6.34 13.28
N LEU B 132 26.45 5.63 12.14
CA LEU B 132 25.65 4.43 11.98
C LEU B 132 26.50 3.33 11.34
N ILE B 133 26.45 2.16 11.98
CA ILE B 133 27.10 0.96 11.41
C ILE B 133 25.99 -0.04 11.22
N THR B 134 25.81 -0.62 10.03
CA THR B 134 24.78 -1.62 9.81
C THR B 134 25.45 -2.88 9.31
N ALA B 135 24.84 -4.05 9.55
CA ALA B 135 25.33 -5.32 9.08
C ALA B 135 24.13 -5.98 8.39
N VAL B 136 24.32 -6.53 7.19
CA VAL B 136 23.31 -7.21 6.39
C VAL B 136 21.94 -6.51 6.37
N GLY B 137 21.97 -5.17 6.38
CA GLY B 137 20.80 -4.31 6.54
C GLY B 137 19.90 -4.21 5.35
N VAL B 138 18.60 -4.35 5.61
CA VAL B 138 17.70 -4.42 4.47
C VAL B 138 17.39 -3.02 3.91
N VAL B 139 17.67 -2.84 2.62
CA VAL B 139 17.30 -1.61 1.94
C VAL B 139 15.94 -1.77 1.23
N ASN B 140 15.52 -2.96 0.82
CA ASN B 140 14.29 -3.11 0.02
C ASN B 140 13.40 -4.09 0.75
N LEU B 141 12.49 -3.69 1.63
CA LEU B 141 11.74 -4.63 2.44
C LEU B 141 10.89 -5.61 1.66
N ARG B 142 10.23 -5.22 0.54
CA ARG B 142 9.41 -6.16 -0.19
C ARG B 142 10.19 -7.32 -0.79
N ASP B 143 11.36 -7.04 -1.35
CA ASP B 143 12.21 -8.03 -1.95
C ASP B 143 12.80 -8.97 -0.91
N THR B 144 13.34 -8.50 0.21
CA THR B 144 13.85 -9.36 1.26
C THR B 144 12.79 -10.34 1.78
N LEU B 145 11.56 -9.86 2.00
CA LEU B 145 10.52 -10.69 2.56
C LEU B 145 10.12 -11.76 1.55
N GLU B 146 10.06 -11.45 0.26
CA GLU B 146 9.79 -12.46 -0.76
C GLU B 146 10.86 -13.55 -0.69
N LYS B 147 12.14 -13.16 -0.61
CA LYS B 147 13.26 -14.08 -0.50
C LYS B 147 13.32 -14.89 0.76
N ALA B 148 12.99 -14.28 1.87
CA ALA B 148 12.95 -14.97 3.13
C ALA B 148 11.77 -15.92 3.26
N LEU B 149 10.57 -15.48 2.88
CA LEU B 149 9.34 -16.23 3.09
C LEU B 149 8.98 -17.10 1.89
N GLY B 150 9.62 -16.94 0.74
CA GLY B 150 9.39 -17.79 -0.40
C GLY B 150 8.39 -17.23 -1.42
N PHE B 151 7.55 -16.28 -1.00
CA PHE B 151 6.48 -15.74 -1.82
C PHE B 151 6.33 -14.26 -1.47
N ASP B 152 5.90 -13.44 -2.43
CA ASP B 152 5.64 -12.04 -2.22
C ASP B 152 4.27 -11.93 -1.57
N TYR B 153 4.14 -11.99 -0.26
CA TYR B 153 2.86 -11.83 0.37
C TYR B 153 2.23 -10.42 0.25
N LEU B 154 3.04 -9.39 0.00
CA LEU B 154 2.50 -8.05 -0.11
C LEU B 154 1.64 -7.86 -1.35
N SER B 155 1.65 -8.81 -2.30
CA SER B 155 0.84 -8.80 -3.50
C SER B 155 -0.56 -9.36 -3.31
N LEU B 156 -0.88 -9.95 -2.17
CA LEU B 156 -2.16 -10.51 -1.88
C LEU B 156 -3.09 -9.47 -1.29
N PRO B 157 -4.43 -9.59 -1.41
CA PRO B 157 -5.36 -8.75 -0.69
C PRO B 157 -5.16 -9.09 0.76
N ILE B 158 -5.28 -8.08 1.61
CA ILE B 158 -5.05 -8.19 3.04
C ILE B 158 -5.89 -9.29 3.67
N ASP B 159 -6.99 -9.64 3.04
CA ASP B 159 -7.93 -10.58 3.63
C ASP B 159 -7.63 -12.01 3.22
N GLU B 160 -6.69 -12.19 2.32
CA GLU B 160 -6.22 -13.50 1.96
C GLU B 160 -4.88 -13.82 2.62
N LEU B 161 -4.36 -13.03 3.56
CA LEU B 161 -3.07 -13.26 4.17
C LEU B 161 -3.21 -14.36 5.24
N PRO B 162 -2.27 -15.30 5.31
CA PRO B 162 -2.08 -16.14 6.48
C PRO B 162 -2.08 -15.40 7.82
N ASN B 163 -2.28 -16.14 8.91
CA ASN B 163 -2.28 -15.55 10.24
C ASN B 163 -1.01 -14.90 10.72
N ASP B 164 0.10 -15.62 10.49
CA ASP B 164 1.41 -15.16 10.83
C ASP B 164 2.36 -15.60 9.74
N LEU B 165 3.47 -14.88 9.75
CA LEU B 165 4.58 -15.00 8.82
C LEU B 165 5.74 -15.29 9.77
N ASP B 166 6.64 -16.25 9.53
CA ASP B 166 7.69 -16.56 10.47
C ASP B 166 8.96 -15.94 9.89
N PHE B 167 9.43 -14.78 10.37
CA PHE B 167 10.60 -14.15 9.80
C PHE B 167 11.76 -14.24 10.75
N GLU B 168 12.80 -14.98 10.30
CA GLU B 168 14.08 -15.06 10.99
C GLU B 168 13.95 -15.44 12.48
N GLY B 169 13.16 -16.48 12.70
CA GLY B 169 12.91 -16.96 14.04
C GLY B 169 11.66 -16.33 14.63
N HIS B 170 11.44 -15.01 14.54
CA HIS B 170 10.23 -14.44 15.12
C HIS B 170 9.00 -14.52 14.20
N LYS B 171 7.85 -14.85 14.78
CA LYS B 171 6.60 -14.85 14.06
C LYS B 171 6.09 -13.40 13.93
N LEU B 172 5.51 -12.99 12.81
CA LEU B 172 5.05 -11.64 12.55
C LEU B 172 3.55 -11.77 12.35
N GLY B 173 2.67 -11.08 13.05
CA GLY B 173 1.23 -11.13 12.74
C GLY B 173 0.98 -10.42 11.40
N SER B 174 0.56 -11.14 10.34
CA SER B 174 0.53 -10.63 8.96
C SER B 174 -0.33 -9.43 8.60
N GLU B 175 -1.57 -9.28 9.08
CA GLU B 175 -2.44 -8.17 8.67
C GLU B 175 -1.92 -6.83 9.16
N VAL B 176 -1.57 -6.75 10.46
CA VAL B 176 -1.05 -5.52 11.07
C VAL B 176 0.31 -5.14 10.47
N PHE B 177 1.16 -6.13 10.21
CA PHE B 177 2.45 -5.87 9.63
C PHE B 177 2.32 -5.38 8.19
N VAL B 178 1.55 -6.08 7.32
CA VAL B 178 1.43 -5.66 5.93
C VAL B 178 0.66 -4.30 5.83
N ARG B 179 -0.43 -4.06 6.56
CA ARG B 179 -1.09 -2.76 6.61
C ARG B 179 -0.08 -1.64 6.88
N ASP B 180 0.69 -1.74 7.97
CA ASP B 180 1.72 -0.75 8.27
C ASP B 180 2.76 -0.53 7.19
N CYS B 181 3.22 -1.54 6.45
CA CYS B 181 4.23 -1.35 5.37
C CYS B 181 3.81 -0.43 4.25
N PHE B 182 2.54 -0.52 3.87
CA PHE B 182 2.03 0.33 2.79
C PHE B 182 1.66 1.73 3.31
N GLU B 183 0.95 1.75 4.43
CA GLU B 183 0.50 2.92 5.12
C GLU B 183 1.57 3.90 5.57
N HIS B 184 2.75 3.37 5.93
CA HIS B 184 3.89 4.16 6.36
C HIS B 184 5.08 4.06 5.42
N HIS B 185 4.83 3.57 4.24
CA HIS B 185 5.74 3.46 3.09
C HIS B 185 7.09 2.86 3.47
N TRP B 186 7.01 1.66 4.02
CA TRP B 186 8.20 0.91 4.44
C TRP B 186 8.65 -0.06 3.36
N ASP B 187 7.84 -0.23 2.33
CA ASP B 187 8.04 -1.33 1.40
C ASP B 187 9.01 -1.29 0.26
N THR B 188 9.32 -0.14 -0.33
CA THR B 188 10.13 -0.15 -1.54
C THR B 188 11.58 0.27 -1.29
N LEU B 189 12.46 0.10 -2.24
CA LEU B 189 13.79 0.59 -2.13
C LEU B 189 13.75 2.11 -2.14
N ASP B 190 12.88 2.76 -2.94
CA ASP B 190 12.85 4.22 -3.05
C ASP B 190 12.54 4.91 -1.77
N SER B 191 11.64 4.37 -0.95
CA SER B 191 11.38 4.97 0.34
C SER B 191 12.65 5.08 1.20
N THR B 192 13.49 4.02 1.20
CA THR B 192 14.78 4.01 1.83
C THR B 192 15.61 5.10 1.16
N LEU B 193 15.72 5.14 -0.17
CA LEU B 193 16.58 6.12 -0.83
C LEU B 193 16.14 7.53 -0.48
N ASP B 194 14.87 7.82 -0.23
CA ASP B 194 14.50 9.19 0.12
C ASP B 194 14.98 9.56 1.51
N LYS B 195 14.89 8.63 2.46
CA LYS B 195 15.22 8.94 3.83
C LYS B 195 16.67 9.13 4.15
N VAL B 196 17.46 8.44 3.35
CA VAL B 196 18.90 8.36 3.45
C VAL B 196 19.59 9.54 2.76
N ALA B 197 19.04 10.00 1.64
CA ALA B 197 19.59 11.06 0.79
C ALA B 197 20.26 12.30 1.40
N ASN B 198 19.59 13.00 2.31
CA ASN B 198 20.15 14.22 2.87
C ASN B 198 20.77 13.97 4.23
N THR B 199 21.30 12.77 4.46
CA THR B 199 21.86 12.53 5.76
C THR B 199 23.26 13.11 5.89
N SER B 200 23.49 13.54 7.14
CA SER B 200 24.80 14.01 7.56
C SER B 200 25.55 12.99 8.42
N VAL B 201 24.86 11.92 8.90
CA VAL B 201 25.43 10.87 9.73
C VAL B 201 26.38 10.00 8.91
N PRO B 202 27.64 9.79 9.31
CA PRO B 202 28.57 8.84 8.67
C PRO B 202 28.08 7.41 8.81
N LEU B 203 28.25 6.61 7.77
CA LEU B 203 27.69 5.27 7.73
C LEU B 203 28.65 4.23 7.21
N ILE B 204 28.77 3.09 7.90
CA ILE B 204 29.53 1.97 7.37
C ILE B 204 28.46 0.91 7.31
N ALA B 205 28.33 0.37 6.10
CA ALA B 205 27.40 -0.68 5.78
C ALA B 205 28.23 -1.95 5.60
N PHE B 206 28.08 -3.02 6.42
CA PHE B 206 28.76 -4.29 6.11
C PHE B 206 27.78 -5.18 5.37
N THR B 207 28.15 -5.70 4.21
CA THR B 207 27.31 -6.70 3.56
C THR B 207 27.95 -8.10 3.60
N ALA B 208 27.15 -9.17 3.51
CA ALA B 208 27.68 -10.53 3.57
C ALA B 208 27.92 -10.92 2.15
N ASN B 209 29.05 -11.62 1.97
CA ASN B 209 29.47 -12.07 0.67
C ASN B 209 28.39 -12.85 -0.09
N ASN B 210 27.61 -13.83 0.41
CA ASN B 210 26.56 -14.45 -0.42
C ASN B 210 25.20 -14.42 0.29
N ASP B 211 24.73 -13.19 0.42
CA ASP B 211 23.47 -12.92 1.03
C ASP B 211 22.40 -13.00 -0.02
N ASP B 212 21.46 -13.91 0.11
CA ASP B 212 20.41 -14.01 -0.91
C ASP B 212 19.34 -12.95 -0.71
N TRP B 213 19.08 -12.74 0.59
CA TRP B 213 18.03 -11.87 1.07
C TRP B 213 18.11 -10.39 0.79
N VAL B 214 19.31 -9.83 0.60
CA VAL B 214 19.55 -8.39 0.49
C VAL B 214 20.47 -8.32 -0.72
N LYS B 215 20.15 -7.57 -1.76
CA LYS B 215 21.00 -7.50 -2.93
C LYS B 215 22.06 -6.48 -2.71
N GLN B 216 23.33 -6.81 -2.97
CA GLN B 216 24.42 -5.87 -2.75
C GLN B 216 24.31 -4.70 -3.69
N GLU B 217 23.90 -4.96 -4.92
CA GLU B 217 23.70 -3.88 -5.88
C GLU B 217 22.74 -2.83 -5.32
N GLU B 218 21.71 -3.19 -4.55
CA GLU B 218 20.79 -2.19 -4.02
C GLU B 218 21.39 -1.46 -2.81
N VAL B 219 22.29 -2.09 -2.05
CA VAL B 219 22.95 -1.41 -0.94
C VAL B 219 23.87 -0.37 -1.52
N TYR B 220 24.69 -0.71 -2.51
CA TYR B 220 25.52 0.25 -3.21
C TYR B 220 24.68 1.37 -3.81
N ASP B 221 23.51 1.02 -4.34
CA ASP B 221 22.59 2.01 -4.85
C ASP B 221 22.13 2.94 -3.75
N MET B 222 21.90 2.45 -2.55
CA MET B 222 21.51 3.33 -1.46
C MET B 222 22.63 4.27 -1.08
N LEU B 223 23.83 3.72 -0.89
CA LEU B 223 25.01 4.47 -0.46
C LEU B 223 25.30 5.58 -1.44
N ALA B 224 25.09 5.27 -2.71
CA ALA B 224 25.32 6.22 -3.78
C ALA B 224 24.31 7.36 -3.79
N HIS B 225 23.27 7.36 -2.97
CA HIS B 225 22.31 8.45 -2.94
C HIS B 225 22.53 9.39 -1.78
N ILE B 226 23.51 9.05 -0.97
CA ILE B 226 23.88 9.83 0.17
C ILE B 226 24.77 10.89 -0.47
N ARG B 227 24.20 12.09 -0.40
CA ARG B 227 24.84 13.27 -0.95
C ARG B 227 26.17 13.61 -0.28
N THR B 228 26.34 13.55 1.04
CA THR B 228 27.63 13.87 1.64
C THR B 228 28.82 13.01 1.22
N GLY B 229 28.53 11.80 0.72
CA GLY B 229 29.53 10.84 0.33
C GLY B 229 30.33 10.28 1.50
N HIS B 230 30.01 10.47 2.80
CA HIS B 230 30.86 9.84 3.79
C HIS B 230 30.18 8.60 4.35
N CYS B 231 30.45 7.55 3.58
CA CYS B 231 29.93 6.24 3.86
C CYS B 231 30.94 5.27 3.30
N LYS B 232 30.94 4.03 3.80
CA LYS B 232 31.82 3.02 3.26
C LYS B 232 31.08 1.68 3.36
N LEU B 233 31.25 0.82 2.37
CA LEU B 233 30.69 -0.52 2.37
C LEU B 233 31.88 -1.43 2.59
N TYR B 234 31.89 -2.35 3.55
CA TYR B 234 32.93 -3.35 3.64
C TYR B 234 32.12 -4.65 3.62
N SER B 235 32.72 -5.79 3.29
CA SER B 235 31.98 -7.04 3.29
C SER B 235 32.47 -8.00 4.37
N LEU B 236 31.58 -8.85 4.86
CA LEU B 236 31.88 -9.80 5.89
C LEU B 236 32.34 -11.07 5.18
N LEU B 237 33.26 -11.79 5.86
CA LEU B 237 33.98 -12.91 5.26
C LEU B 237 33.16 -13.85 4.39
N GLY B 238 32.35 -14.63 5.07
CA GLY B 238 31.54 -15.58 4.35
C GLY B 238 30.20 -14.93 4.57
N SER B 239 29.53 -15.71 5.39
CA SER B 239 28.20 -15.39 5.82
C SER B 239 27.32 -15.42 4.56
N SER B 240 26.15 -15.89 4.89
CA SER B 240 25.02 -15.75 4.03
C SER B 240 24.36 -14.58 4.81
N HIS B 241 23.04 -14.53 4.96
CA HIS B 241 22.44 -13.49 5.78
C HIS B 241 22.66 -13.83 7.26
N ASP B 242 22.99 -15.09 7.55
CA ASP B 242 23.01 -15.52 8.93
C ASP B 242 24.37 -15.29 9.59
N LEU B 243 24.40 -14.30 10.47
CA LEU B 243 25.64 -13.94 11.13
C LEU B 243 25.97 -14.96 12.22
N GLY B 244 25.03 -15.80 12.68
CA GLY B 244 25.31 -16.76 13.73
C GLY B 244 25.31 -18.16 13.20
N GLU B 245 25.78 -18.33 11.98
CA GLU B 245 25.79 -19.61 11.30
C GLU B 245 26.77 -20.59 11.92
N ASN B 246 27.94 -20.05 12.31
CA ASN B 246 28.93 -20.80 13.04
C ASN B 246 29.79 -19.77 13.75
N LEU B 247 30.58 -20.23 14.72
CA LEU B 247 31.43 -19.38 15.54
C LEU B 247 32.41 -18.55 14.75
N VAL B 248 32.91 -18.90 13.58
CA VAL B 248 33.82 -18.08 12.79
C VAL B 248 33.18 -16.86 12.12
N VAL B 249 32.01 -17.09 11.49
CA VAL B 249 31.16 -16.07 10.88
C VAL B 249 30.77 -15.11 11.99
N LEU B 250 30.33 -15.58 13.15
CA LEU B 250 29.96 -14.75 14.26
C LEU B 250 31.09 -13.87 14.81
N ARG B 251 32.31 -14.37 14.89
CA ARG B 251 33.40 -13.62 15.47
C ARG B 251 33.91 -12.64 14.43
N ASN B 252 33.79 -12.95 13.15
CA ASN B 252 34.11 -11.98 12.12
C ASN B 252 33.11 -10.81 12.19
N PHE B 253 31.87 -11.10 12.59
CA PHE B 253 30.86 -10.08 12.75
C PHE B 253 31.29 -9.24 13.94
N TYR B 254 31.44 -9.82 15.13
CA TYR B 254 31.82 -9.08 16.32
C TYR B 254 33.07 -8.27 16.13
N GLN B 255 34.04 -8.85 15.48
CA GLN B 255 35.29 -8.17 15.28
C GLN B 255 35.16 -7.02 14.28
N SER B 256 34.45 -7.18 13.16
CA SER B 256 34.34 -6.14 12.17
C SER B 256 33.67 -4.90 12.71
N VAL B 257 32.54 -5.07 13.39
CA VAL B 257 31.80 -3.96 13.95
C VAL B 257 32.60 -3.26 15.06
N THR B 258 33.32 -3.93 15.94
CA THR B 258 34.18 -3.32 16.93
C THR B 258 35.26 -2.49 16.30
N LYS B 259 35.94 -2.93 15.26
CA LYS B 259 36.87 -2.05 14.63
C LYS B 259 36.14 -0.89 14.05
N ALA B 260 35.02 -1.03 13.32
CA ALA B 260 34.28 0.13 12.80
C ALA B 260 33.81 1.06 13.92
N ALA B 261 33.30 0.63 15.08
CA ALA B 261 32.93 1.56 16.13
C ALA B 261 34.15 2.28 16.70
N ILE B 262 35.32 1.64 16.75
CA ILE B 262 36.51 2.28 17.28
C ILE B 262 36.95 3.37 16.33
N ALA B 263 37.14 3.00 15.06
CA ALA B 263 37.54 3.94 14.03
C ALA B 263 36.59 5.15 13.94
N MET B 264 35.25 4.96 13.92
CA MET B 264 34.29 6.06 13.77
C MET B 264 34.14 6.89 15.02
N ASP B 265 34.47 6.39 16.20
CA ASP B 265 34.45 7.22 17.37
C ASP B 265 35.53 8.32 17.25
N GLY B 266 36.55 8.09 16.42
CA GLY B 266 37.59 9.07 16.19
C GLY B 266 37.50 9.68 14.80
N GLY B 267 36.32 9.70 14.17
CA GLY B 267 36.07 10.33 12.89
C GLY B 267 36.69 9.68 11.68
N SER B 268 37.08 8.41 11.81
CA SER B 268 37.66 7.69 10.70
C SER B 268 36.67 6.65 10.17
N LEU B 269 36.84 6.31 8.92
CA LEU B 269 36.02 5.32 8.23
C LEU B 269 36.85 4.11 7.76
N GLU B 270 38.17 4.08 8.01
CA GLU B 270 39.06 2.98 7.64
C GLU B 270 39.18 2.16 8.89
N ILE B 271 38.92 0.87 8.84
CA ILE B 271 38.84 0.08 10.06
C ILE B 271 40.06 -0.73 10.47
N ASP B 272 41.24 -0.57 9.88
CA ASP B 272 42.42 -1.29 10.32
C ASP B 272 42.95 -0.56 11.55
N VAL B 273 42.33 -0.96 12.63
CA VAL B 273 42.50 -0.35 13.92
C VAL B 273 42.77 -1.54 14.83
N ASP B 274 43.40 -1.29 15.97
CA ASP B 274 43.64 -2.34 16.95
C ASP B 274 42.49 -2.45 17.92
N PHE B 275 42.24 -3.64 18.44
CA PHE B 275 41.18 -3.78 19.40
C PHE B 275 41.54 -4.89 20.37
N ILE B 276 40.86 -4.94 21.49
CA ILE B 276 40.95 -5.95 22.53
C ILE B 276 39.80 -6.96 22.34
N GLU B 277 40.14 -8.24 22.19
CA GLU B 277 39.17 -9.28 21.89
C GLU B 277 38.82 -10.11 23.13
N PRO B 278 37.60 -10.20 23.63
CA PRO B 278 37.25 -11.12 24.71
C PRO B 278 37.59 -12.57 24.33
N ASP B 279 37.91 -13.34 25.37
CA ASP B 279 38.20 -14.74 25.15
C ASP B 279 36.91 -15.52 25.39
N PHE B 280 36.95 -16.86 25.33
CA PHE B 280 35.75 -17.62 25.49
C PHE B 280 35.14 -17.52 26.90
N GLU B 281 35.88 -17.53 27.98
CA GLU B 281 35.29 -17.44 29.31
C GLU B 281 34.54 -16.14 29.52
N GLN B 282 35.03 -15.02 29.01
CA GLN B 282 34.32 -13.75 29.15
C GLN B 282 33.03 -13.78 28.31
N LEU B 283 33.00 -14.24 27.06
CA LEU B 283 31.75 -14.37 26.30
C LEU B 283 30.76 -15.33 26.94
N THR B 284 31.17 -16.47 27.53
CA THR B 284 30.31 -17.42 28.25
C THR B 284 29.61 -16.75 29.44
N ILE B 285 30.37 -15.98 30.20
CA ILE B 285 29.82 -15.32 31.36
C ILE B 285 28.78 -14.30 30.94
N ALA B 286 29.00 -13.58 29.83
CA ALA B 286 27.96 -12.66 29.32
C ALA B 286 26.65 -13.42 28.99
N THR B 287 26.76 -14.61 28.37
CA THR B 287 25.61 -15.47 28.03
C THR B 287 24.85 -15.88 29.26
N VAL B 288 25.53 -16.28 30.35
CA VAL B 288 24.85 -16.66 31.58
C VAL B 288 24.26 -15.43 32.29
N ASN B 289 24.91 -14.27 32.19
CA ASN B 289 24.45 -13.03 32.80
C ASN B 289 23.13 -12.65 32.18
N GLU B 290 22.95 -12.96 30.90
CA GLU B 290 21.68 -12.72 30.25
C GLU B 290 20.54 -13.44 30.96
N ARG B 291 20.69 -14.68 31.45
CA ARG B 291 19.61 -15.31 32.21
C ARG B 291 19.28 -14.52 33.46
N ARG B 292 20.32 -14.08 34.18
CA ARG B 292 20.16 -13.30 35.40
C ARG B 292 19.41 -11.99 35.13
N LEU B 293 19.74 -11.27 34.07
CA LEU B 293 19.10 -10.02 33.73
C LEU B 293 17.63 -10.23 33.43
N LYS B 294 17.33 -11.26 32.63
CA LYS B 294 15.97 -11.55 32.20
C LYS B 294 14.99 -11.83 33.35
N ALA B 295 15.49 -12.47 34.40
CA ALA B 295 14.67 -12.77 35.55
C ALA B 295 14.32 -11.52 36.34
N GLU B 296 15.33 -10.72 36.68
CA GLU B 296 15.11 -9.56 37.51
C GLU B 296 14.50 -8.34 36.84
N ILE B 297 14.25 -8.36 35.53
CA ILE B 297 13.58 -7.26 34.90
C ILE B 297 12.17 -7.15 35.50
N GLU B 298 11.53 -8.19 36.05
CA GLU B 298 10.22 -8.01 36.63
C GLU B 298 10.21 -7.31 37.98
N ASN B 299 11.36 -7.13 38.59
CA ASN B 299 11.38 -6.44 39.85
C ASN B 299 12.33 -5.27 39.65
N ARG B 300 11.91 -4.49 38.65
CA ARG B 300 12.59 -3.28 38.26
C ARG B 300 11.52 -2.21 38.17
N THR B 301 11.85 -1.04 38.76
CA THR B 301 11.00 0.13 38.71
C THR B 301 11.00 0.62 37.27
N PRO B 302 9.86 0.71 36.57
CA PRO B 302 9.78 1.33 35.25
C PRO B 302 10.24 2.79 35.30
N GLU B 303 10.82 3.27 34.19
CA GLU B 303 11.31 4.61 34.07
C GLU B 303 10.37 5.21 33.05
N MET B 304 9.92 6.44 33.20
CA MET B 304 9.03 7.03 32.20
C MET B 304 9.91 7.50 31.05
N ALA B 305 9.43 7.39 29.81
CA ALA B 305 10.21 7.78 28.64
C ALA B 305 9.29 8.30 27.53
#